data_1S3N
#
_entry.id   1S3N
#
_cell.length_a   70.398
_cell.length_b   70.398
_cell.length_c   196.705
_cell.angle_alpha   90.00
_cell.angle_beta   90.00
_cell.angle_gamma   90.00
#
_symmetry.space_group_name_H-M   'I 41'
#
loop_
_entity.id
_entity.type
_entity.pdbx_description
1 polymer 'Hypothetical protein MJ0936'
2 non-polymer 'MANGANESE (II) ION'
3 water water
#
_entity_poly.entity_id   1
_entity_poly.type   'polypeptide(L)'
_entity_poly.pdbx_seq_one_letter_code
;MGSSHHHHHHDYDIPTTENLYFQGHMKIGIMSDTHDHLPNIRKAIEIFNDENVETVIHCGDFVSLFVIKEFENLNANIIA
TYGNNDGERCKLKEWLKDINEENIIDDFISVEIDDLKFFITHGHHQSVLEMAIKSGLYDVVIYGHTHERVFEEVDDVLVI
NPGECCGYLTGIPTIGILDTEKKEYREIVL
;
_entity_poly.pdbx_strand_id   A,B
#
loop_
_chem_comp.id
_chem_comp.type
_chem_comp.name
_chem_comp.formula
MN non-polymer 'MANGANESE (II) ION' 'Mn 2'
#
# COMPACT_ATOMS: atom_id res chain seq x y z
N MET A 26 29.28 2.70 -5.18
CA MET A 26 28.61 1.37 -5.00
C MET A 26 27.98 1.25 -3.60
N LYS A 27 28.01 2.34 -2.85
CA LYS A 27 27.45 2.39 -1.51
C LYS A 27 26.06 3.04 -1.51
N ILE A 28 25.08 2.33 -0.95
CA ILE A 28 23.76 2.93 -0.85
C ILE A 28 23.52 3.32 0.61
N GLY A 29 23.05 4.55 0.79
CA GLY A 29 22.73 5.05 2.11
C GLY A 29 21.28 4.71 2.41
N ILE A 30 21.01 4.36 3.67
CA ILE A 30 19.66 4.03 4.11
C ILE A 30 19.34 4.83 5.37
N MET A 31 18.11 5.32 5.47
CA MET A 31 17.73 6.10 6.63
C MET A 31 16.22 6.15 6.71
N SER A 32 15.71 6.56 7.87
CA SER A 32 14.25 6.62 8.08
C SER A 32 13.85 7.39 9.36
N ASP A 33 12.60 7.81 9.40
CA ASP A 33 12.07 8.47 10.57
C ASP A 33 12.92 9.54 11.12
N THR A 34 13.14 10.57 10.31
CA THR A 34 13.94 11.71 10.76
C THR A 34 13.14 12.65 11.64
N HIS A 35 11.82 12.51 11.67
CA HIS A 35 10.96 13.36 12.50
C HIS A 35 11.47 14.79 12.81
N ASP A 36 11.79 15.52 11.75
CA ASP A 36 12.23 16.92 11.86
C ASP A 36 13.48 17.22 12.72
N HIS A 37 14.17 16.20 13.20
CA HIS A 37 15.37 16.42 14.03
C HIS A 37 16.49 16.95 13.12
N LEU A 38 16.57 18.27 13.03
CA LEU A 38 17.56 18.91 12.13
C LEU A 38 19.00 18.47 12.35
N PRO A 39 19.45 18.43 13.62
CA PRO A 39 20.83 18.04 13.92
C PRO A 39 21.22 16.69 13.37
N ASN A 40 20.46 15.66 13.75
CA ASN A 40 20.78 14.30 13.32
C ASN A 40 20.64 14.16 11.83
N ILE A 41 19.73 14.95 11.26
CA ILE A 41 19.55 14.96 9.81
C ILE A 41 20.87 15.41 9.14
N ARG A 42 21.42 16.52 9.63
CA ARG A 42 22.67 17.06 9.09
C ARG A 42 23.77 16.07 9.29
N LYS A 43 23.88 15.56 10.50
CA LYS A 43 24.91 14.56 10.80
C LYS A 43 24.87 13.36 9.83
N ALA A 44 23.68 13.04 9.34
CA ALA A 44 23.54 11.91 8.43
C ALA A 44 23.88 12.39 7.04
N ILE A 45 23.45 13.61 6.72
CA ILE A 45 23.77 14.15 5.41
C ILE A 45 25.29 14.34 5.25
N GLU A 46 26.01 14.54 6.35
CA GLU A 46 27.47 14.71 6.27
C GLU A 46 28.11 13.34 6.15
N ILE A 47 27.75 12.45 7.05
CA ILE A 47 28.29 11.08 7.05
C ILE A 47 28.12 10.48 5.66
N PHE A 48 26.98 10.71 5.03
CA PHE A 48 26.77 10.14 3.72
C PHE A 48 27.72 10.72 2.70
N ASN A 49 27.76 12.03 2.57
CA ASN A 49 28.68 12.63 1.61
C ASN A 49 30.10 12.07 1.76
N ASP A 50 30.68 12.25 2.95
CA ASP A 50 32.03 11.78 3.23
C ASP A 50 32.30 10.33 2.80
N GLU A 51 31.32 9.69 2.18
CA GLU A 51 31.52 8.34 1.71
C GLU A 51 31.12 8.21 0.24
N ASN A 52 31.18 6.98 -0.27
CA ASN A 52 30.81 6.76 -1.65
C ASN A 52 29.35 7.25 -1.71
N VAL A 53 28.45 6.39 -1.27
CA VAL A 53 27.02 6.66 -1.28
C VAL A 53 26.61 7.29 -2.62
N GLU A 54 26.10 6.42 -3.49
CA GLU A 54 25.65 6.83 -4.79
C GLU A 54 24.24 7.38 -4.66
N THR A 55 23.39 6.68 -3.91
CA THR A 55 22.01 7.12 -3.68
C THR A 55 21.63 6.91 -2.20
N VAL A 56 20.57 7.58 -1.78
CA VAL A 56 20.13 7.46 -0.40
C VAL A 56 18.64 7.16 -0.37
N ILE A 57 18.31 6.02 0.22
CA ILE A 57 16.91 5.55 0.41
C ILE A 57 16.48 6.10 1.78
N HIS A 58 15.30 6.71 1.83
CA HIS A 58 14.76 7.30 3.05
C HIS A 58 13.30 6.88 3.06
N CYS A 59 12.96 5.93 3.91
CA CYS A 59 11.59 5.48 3.92
C CYS A 59 10.78 6.17 4.95
N GLY A 60 11.50 6.85 5.83
CA GLY A 60 10.90 7.51 6.99
C GLY A 60 9.87 8.60 6.84
N ASP A 61 9.49 9.13 7.99
CA ASP A 61 8.59 10.26 8.10
C ASP A 61 9.59 11.43 8.17
N PHE A 62 9.67 12.25 7.13
CA PHE A 62 10.57 13.42 7.16
C PHE A 62 9.89 14.29 8.17
N VAL A 63 8.59 14.34 7.90
CA VAL A 63 7.52 14.99 8.59
C VAL A 63 7.23 16.43 8.20
N SER A 64 8.22 17.31 8.01
CA SER A 64 7.94 18.70 7.60
C SER A 64 8.74 19.20 6.40
N LEU A 65 8.09 19.98 5.54
CA LEU A 65 8.74 20.52 4.33
C LEU A 65 10.15 21.09 4.43
N PHE A 66 10.49 21.77 5.53
CA PHE A 66 11.84 22.32 5.64
C PHE A 66 12.94 21.25 5.71
N VAL A 67 12.56 20.04 6.03
CA VAL A 67 13.52 18.95 6.09
C VAL A 67 14.09 18.77 4.69
N ILE A 68 13.27 19.07 3.69
CA ILE A 68 13.68 18.91 2.31
C ILE A 68 14.76 19.89 1.89
N LYS A 69 14.85 21.06 2.53
CA LYS A 69 15.91 22.01 2.18
C LYS A 69 17.27 21.43 2.63
N GLU A 70 17.36 20.99 3.89
CA GLU A 70 18.59 20.40 4.40
C GLU A 70 19.15 19.42 3.37
N PHE A 71 18.28 18.65 2.74
CA PHE A 71 18.75 17.68 1.76
C PHE A 71 19.37 18.28 0.49
N GLU A 72 19.15 19.57 0.26
CA GLU A 72 19.73 20.17 -0.93
C GLU A 72 21.25 20.09 -0.82
N ASN A 73 21.73 19.75 0.38
CA ASN A 73 23.16 19.63 0.65
C ASN A 73 23.66 18.20 0.55
N LEU A 74 22.77 17.29 0.15
CA LEU A 74 23.12 15.88 0.03
C LEU A 74 23.59 15.55 -1.37
N ASN A 75 24.84 15.10 -1.46
CA ASN A 75 25.45 14.77 -2.75
C ASN A 75 24.69 13.75 -3.58
N ALA A 76 24.39 12.59 -3.00
CA ALA A 76 23.68 11.55 -3.72
C ALA A 76 22.19 11.87 -3.96
N ASN A 77 21.55 11.10 -4.83
CA ASN A 77 20.14 11.33 -5.11
C ASN A 77 19.30 10.66 -4.03
N ILE A 78 18.00 10.83 -4.11
CA ILE A 78 17.10 10.33 -3.07
C ILE A 78 15.89 9.50 -3.49
N ILE A 79 15.80 8.26 -3.00
CA ILE A 79 14.62 7.40 -3.25
C ILE A 79 13.91 7.39 -1.87
N ALA A 80 12.77 8.05 -1.78
CA ALA A 80 12.05 8.11 -0.52
C ALA A 80 10.68 7.47 -0.58
N THR A 81 10.14 7.21 0.59
CA THR A 81 8.85 6.57 0.69
C THR A 81 8.04 7.48 1.61
N TYR A 82 6.72 7.44 1.50
CA TYR A 82 5.90 8.31 2.34
C TYR A 82 5.63 7.76 3.73
N GLY A 83 6.10 8.49 4.72
CA GLY A 83 5.81 8.06 6.06
C GLY A 83 4.34 8.40 6.29
N ASN A 84 3.70 7.75 7.24
CA ASN A 84 2.30 8.01 7.49
C ASN A 84 2.09 9.36 8.16
N ASN A 85 3.12 9.98 8.75
CA ASN A 85 2.95 11.31 9.38
C ASN A 85 3.22 12.45 8.38
N ASP A 86 3.75 12.11 7.22
CA ASP A 86 4.07 13.08 6.18
C ASP A 86 2.82 13.79 5.62
N GLY A 87 2.44 14.91 6.26
CA GLY A 87 1.27 15.66 5.83
C GLY A 87 1.23 16.28 4.44
N GLU A 88 2.26 17.07 4.11
CA GLU A 88 2.34 17.75 2.83
C GLU A 88 2.77 16.82 1.73
N ARG A 89 1.93 15.83 1.43
CA ARG A 89 2.26 14.84 0.41
C ARG A 89 2.73 15.36 -0.97
N CYS A 90 2.03 16.33 -1.59
CA CYS A 90 2.50 16.78 -2.90
C CYS A 90 3.56 17.85 -2.87
N LYS A 91 3.61 18.60 -1.79
CA LYS A 91 4.63 19.64 -1.67
C LYS A 91 5.99 18.94 -1.54
N LEU A 92 6.01 17.81 -0.81
CA LEU A 92 7.23 17.01 -0.59
C LEU A 92 7.81 16.49 -1.89
N LYS A 93 6.92 16.07 -2.79
CA LYS A 93 7.31 15.54 -4.09
C LYS A 93 7.98 16.61 -4.97
N GLU A 94 7.28 17.74 -5.17
CA GLU A 94 7.80 18.86 -5.97
C GLU A 94 9.18 19.21 -5.42
N TRP A 95 9.18 19.61 -4.15
CA TRP A 95 10.38 20.00 -3.43
C TRP A 95 11.51 19.02 -3.60
N LEU A 96 11.24 17.74 -3.34
CA LEU A 96 12.27 16.77 -3.50
C LEU A 96 12.87 16.88 -4.90
N LYS A 97 12.04 17.24 -5.87
CA LYS A 97 12.55 17.35 -7.24
C LYS A 97 13.34 18.65 -7.53
N ASP A 98 12.88 19.79 -7.04
CA ASP A 98 13.62 21.03 -7.30
C ASP A 98 15.03 20.80 -6.79
N ILE A 99 15.15 19.88 -5.85
CA ILE A 99 16.44 19.55 -5.25
C ILE A 99 17.19 18.64 -6.23
N ASN A 100 16.46 17.99 -7.12
CA ASN A 100 17.08 17.06 -8.05
C ASN A 100 15.97 16.37 -8.85
N GLU A 101 16.13 16.27 -10.17
CA GLU A 101 15.08 15.65 -10.99
C GLU A 101 15.02 14.15 -10.79
N GLU A 102 16.15 13.52 -10.50
CA GLU A 102 16.17 12.07 -10.30
C GLU A 102 15.37 11.59 -9.05
N ASN A 103 15.40 12.37 -7.98
CA ASN A 103 14.73 12.03 -6.72
C ASN A 103 13.26 11.63 -6.87
N ILE A 104 12.92 10.46 -6.30
CA ILE A 104 11.56 9.88 -6.33
C ILE A 104 10.95 9.59 -4.94
N ILE A 105 9.63 9.62 -4.84
CA ILE A 105 8.94 9.36 -3.58
C ILE A 105 7.51 8.86 -3.78
N ASP A 106 7.27 7.62 -3.40
CA ASP A 106 5.95 7.01 -3.53
C ASP A 106 5.65 6.28 -2.24
N ASP A 107 4.48 5.66 -2.15
CA ASP A 107 4.11 4.88 -0.97
C ASP A 107 4.89 3.58 -1.01
N PHE A 108 5.16 3.07 -2.21
CA PHE A 108 5.91 1.83 -2.36
C PHE A 108 6.86 1.98 -3.53
N ILE A 109 8.12 1.64 -3.34
CA ILE A 109 9.07 1.74 -4.46
C ILE A 109 9.72 0.39 -4.71
N SER A 110 9.47 -0.24 -5.85
CA SER A 110 10.16 -1.51 -6.11
C SER A 110 11.15 -1.26 -7.24
N VAL A 111 12.43 -1.19 -6.89
CA VAL A 111 13.46 -0.94 -7.90
C VAL A 111 14.56 -1.96 -7.90
N GLU A 112 15.38 -1.87 -8.93
CA GLU A 112 16.51 -2.73 -9.10
C GLU A 112 17.72 -1.81 -9.06
N ILE A 113 18.78 -2.25 -8.39
CA ILE A 113 19.99 -1.46 -8.31
C ILE A 113 21.16 -2.41 -8.18
N ASP A 114 22.28 -2.03 -8.77
CA ASP A 114 23.50 -2.82 -8.71
C ASP A 114 23.19 -4.32 -8.77
N ASP A 115 22.32 -4.65 -9.71
CA ASP A 115 21.87 -6.02 -9.97
C ASP A 115 21.20 -6.66 -8.76
N LEU A 116 20.24 -5.94 -8.18
CA LEU A 116 19.50 -6.40 -7.01
C LEU A 116 18.07 -5.85 -6.95
N LYS A 117 17.13 -6.73 -6.58
CA LYS A 117 15.71 -6.40 -6.46
C LYS A 117 15.36 -5.82 -5.07
N PHE A 118 14.87 -4.58 -5.06
CA PHE A 118 14.47 -3.88 -3.84
C PHE A 118 12.98 -3.57 -3.68
N PHE A 119 12.49 -3.75 -2.47
CA PHE A 119 11.13 -3.37 -2.17
C PHE A 119 11.26 -2.44 -0.99
N ILE A 120 10.97 -1.16 -1.19
CA ILE A 120 11.07 -0.16 -0.14
C ILE A 120 9.70 0.38 0.28
N THR A 121 9.51 0.56 1.58
CA THR A 121 8.25 1.10 2.08
C THR A 121 8.40 1.56 3.52
N HIS A 122 7.52 2.45 3.99
CA HIS A 122 7.59 2.92 5.37
C HIS A 122 6.98 1.69 6.08
N GLY A 123 7.37 1.36 7.30
CA GLY A 123 6.77 0.14 7.89
C GLY A 123 5.25 0.05 7.91
N HIS A 124 4.67 1.21 7.72
CA HIS A 124 3.27 1.49 7.62
C HIS A 124 2.31 0.27 7.59
N HIS A 125 2.20 -0.32 6.41
CA HIS A 125 1.33 -1.46 6.15
C HIS A 125 2.13 -2.77 6.24
N GLN A 126 1.97 -3.50 7.35
CA GLN A 126 2.73 -4.74 7.57
C GLN A 126 2.38 -5.85 6.59
N SER A 127 1.10 -5.96 6.26
CA SER A 127 0.63 -6.97 5.30
C SER A 127 1.43 -6.92 4.00
N VAL A 128 1.61 -5.73 3.43
CA VAL A 128 2.36 -5.62 2.19
C VAL A 128 3.84 -5.92 2.39
N LEU A 129 4.37 -5.50 3.55
CA LEU A 129 5.77 -5.71 3.90
C LEU A 129 6.07 -7.18 3.98
N GLU A 130 5.26 -7.87 4.77
CA GLU A 130 5.37 -9.32 5.01
C GLU A 130 5.34 -10.13 3.71
N MET A 131 4.39 -9.80 2.85
CA MET A 131 4.20 -10.44 1.56
C MET A 131 5.37 -10.19 0.60
N ALA A 132 6.01 -9.02 0.71
CA ALA A 132 7.15 -8.71 -0.16
C ALA A 132 8.32 -9.63 0.18
N ILE A 133 8.42 -9.97 1.46
CA ILE A 133 9.48 -10.85 1.92
C ILE A 133 9.10 -12.30 1.56
N LYS A 134 7.96 -12.78 2.08
CA LYS A 134 7.49 -14.15 1.82
C LYS A 134 7.43 -14.50 0.35
N SER A 135 7.09 -13.50 -0.47
CA SER A 135 6.94 -13.67 -1.90
C SER A 135 8.16 -14.25 -2.61
N GLY A 136 9.33 -13.70 -2.30
CA GLY A 136 10.53 -14.18 -2.96
C GLY A 136 10.79 -13.47 -4.28
N LEU A 137 10.21 -12.29 -4.46
CA LEU A 137 10.44 -11.54 -5.70
C LEU A 137 11.56 -10.51 -5.58
N TYR A 138 12.09 -10.30 -4.39
CA TYR A 138 13.15 -9.30 -4.21
C TYR A 138 14.27 -9.92 -3.43
N ASP A 139 15.44 -9.26 -3.49
CA ASP A 139 16.62 -9.70 -2.75
C ASP A 139 16.70 -8.90 -1.47
N VAL A 140 16.49 -7.60 -1.62
CA VAL A 140 16.58 -6.71 -0.50
C VAL A 140 15.25 -6.01 -0.22
N VAL A 141 14.86 -5.98 1.07
CA VAL A 141 13.64 -5.32 1.50
C VAL A 141 14.00 -4.27 2.57
N ILE A 142 13.48 -3.06 2.41
CA ILE A 142 13.79 -1.98 3.32
C ILE A 142 12.57 -1.25 3.86
N TYR A 143 12.50 -1.04 5.16
CA TYR A 143 11.35 -0.32 5.71
C TYR A 143 11.79 0.33 6.97
N GLY A 144 10.86 1.04 7.60
CA GLY A 144 11.13 1.77 8.82
C GLY A 144 9.84 1.78 9.63
N HIS A 145 9.38 2.95 10.04
CA HIS A 145 8.11 3.10 10.79
C HIS A 145 8.11 2.72 12.24
N THR A 146 8.58 1.50 12.51
CA THR A 146 8.69 0.92 13.84
C THR A 146 9.74 1.56 14.69
N HIS A 147 10.77 2.14 14.06
CA HIS A 147 11.87 2.80 14.78
C HIS A 147 12.78 1.76 15.38
N GLU A 148 12.57 0.50 15.02
CA GLU A 148 13.41 -0.53 15.57
C GLU A 148 14.35 -1.04 14.52
N ARG A 149 15.62 -0.67 14.58
CA ARG A 149 16.51 -1.19 13.57
C ARG A 149 16.75 -2.69 13.71
N VAL A 150 16.72 -3.34 12.56
CA VAL A 150 16.89 -4.75 12.50
C VAL A 150 17.68 -4.97 11.21
N PHE A 151 18.30 -6.13 11.10
CA PHE A 151 19.10 -6.47 9.93
C PHE A 151 19.12 -8.00 9.89
N GLU A 152 18.19 -8.58 9.14
CA GLU A 152 18.08 -10.04 9.05
C GLU A 152 17.97 -10.64 7.66
N GLU A 153 18.31 -11.92 7.56
CA GLU A 153 18.23 -12.67 6.31
C GLU A 153 17.14 -13.70 6.56
N VAL A 154 16.03 -13.57 5.85
CA VAL A 154 14.92 -14.48 6.01
C VAL A 154 14.56 -15.08 4.63
N ASP A 155 15.33 -16.13 4.31
CA ASP A 155 15.21 -16.86 3.07
C ASP A 155 15.75 -16.05 1.89
N ASP A 156 17.06 -15.89 1.85
CA ASP A 156 17.71 -15.18 0.76
C ASP A 156 17.38 -13.71 0.75
N VAL A 157 16.32 -13.34 1.45
CA VAL A 157 15.95 -11.93 1.48
C VAL A 157 16.69 -11.18 2.57
N LEU A 158 17.34 -10.11 2.17
CA LEU A 158 18.08 -9.25 3.09
C LEU A 158 17.05 -8.18 3.57
N VAL A 159 16.52 -8.37 4.78
CA VAL A 159 15.55 -7.41 5.31
C VAL A 159 16.24 -6.36 6.22
N ILE A 160 16.02 -5.08 5.89
CA ILE A 160 16.65 -4.00 6.66
C ILE A 160 15.76 -2.84 7.10
N ASN A 161 15.89 -2.45 8.39
CA ASN A 161 15.19 -1.31 8.93
C ASN A 161 16.34 -0.56 9.49
N PRO A 162 16.68 0.59 8.92
CA PRO A 162 17.83 1.32 9.46
C PRO A 162 17.61 1.92 10.86
N GLY A 163 16.38 1.90 11.36
CA GLY A 163 16.16 2.47 12.68
C GLY A 163 15.74 3.93 12.53
N GLU A 164 15.66 4.65 13.65
CA GLU A 164 15.20 6.05 13.67
C GLU A 164 16.34 7.04 13.68
N CYS A 165 16.45 7.81 12.61
CA CYS A 165 17.50 8.81 12.54
C CYS A 165 17.35 9.75 13.72
N CYS A 166 16.14 10.09 14.09
CA CYS A 166 15.92 10.99 15.20
C CYS A 166 16.30 10.47 16.57
N GLY A 167 16.30 9.14 16.76
CA GLY A 167 16.64 8.53 18.05
C GLY A 167 15.60 8.71 19.18
N TYR A 168 14.39 9.19 18.84
CA TYR A 168 13.35 9.48 19.84
C TYR A 168 12.70 8.39 20.67
N LEU A 169 12.31 7.27 20.07
CA LEU A 169 11.64 6.29 20.88
C LEU A 169 12.62 5.39 21.60
N THR A 170 13.69 5.02 20.92
CA THR A 170 14.65 4.09 21.51
C THR A 170 15.84 4.78 22.14
N GLY A 171 16.00 6.07 21.84
CA GLY A 171 17.15 6.80 22.36
C GLY A 171 18.45 6.48 21.64
N ILE A 172 18.42 5.55 20.67
CA ILE A 172 19.60 5.17 19.88
C ILE A 172 19.45 5.68 18.42
N PRO A 173 20.06 6.82 18.13
CA PRO A 173 19.91 7.31 16.76
C PRO A 173 20.79 6.62 15.74
N THR A 174 20.18 6.07 14.69
CA THR A 174 20.94 5.40 13.65
C THR A 174 20.52 5.63 12.22
N ILE A 175 21.40 5.18 11.31
CA ILE A 175 21.25 5.21 9.85
C ILE A 175 22.11 4.02 9.41
N GLY A 176 22.25 3.83 8.10
CA GLY A 176 23.04 2.71 7.61
C GLY A 176 23.52 2.75 6.19
N ILE A 177 24.60 2.03 5.93
CA ILE A 177 25.14 1.95 4.58
C ILE A 177 25.23 0.48 4.09
N LEU A 178 24.61 0.22 2.94
CA LEU A 178 24.60 -1.11 2.33
C LEU A 178 25.59 -1.24 1.16
N ASP A 179 26.39 -2.30 1.20
CA ASP A 179 27.38 -2.65 0.16
C ASP A 179 26.63 -3.46 -0.89
N THR A 180 26.35 -2.84 -2.02
CA THR A 180 25.63 -3.50 -3.10
C THR A 180 26.48 -4.51 -3.86
N GLU A 181 27.79 -4.47 -3.60
CA GLU A 181 28.78 -5.34 -4.24
C GLU A 181 28.90 -6.67 -3.50
N LYS A 182 29.43 -6.60 -2.28
CA LYS A 182 29.66 -7.73 -1.41
C LYS A 182 28.39 -8.11 -0.63
N LYS A 183 27.31 -7.38 -0.89
CA LYS A 183 26.05 -7.63 -0.21
C LYS A 183 26.27 -7.50 1.31
N GLU A 184 27.06 -6.49 1.70
CA GLU A 184 27.38 -6.26 3.10
C GLU A 184 26.83 -4.93 3.65
N TYR A 185 26.39 -4.94 4.90
CA TYR A 185 25.79 -3.77 5.50
C TYR A 185 26.29 -3.52 6.93
N ARG A 186 26.07 -2.30 7.43
CA ARG A 186 26.43 -1.94 8.80
C ARG A 186 25.83 -0.62 9.29
N GLU A 187 25.38 -0.66 10.55
CA GLU A 187 24.76 0.47 11.23
C GLU A 187 25.77 1.56 11.58
N ILE A 188 25.25 2.76 11.76
CA ILE A 188 26.04 3.91 12.13
C ILE A 188 25.24 4.71 13.14
N VAL A 189 25.80 4.80 14.35
CA VAL A 189 25.18 5.54 15.43
C VAL A 189 25.61 7.02 15.32
N LEU A 190 24.78 7.95 15.77
CA LEU A 190 25.12 9.35 15.64
C LEU A 190 25.51 10.02 16.95
N MET B 26 -23.23 -18.52 1.45
CA MET B 26 -22.03 -19.09 0.76
C MET B 26 -21.63 -18.22 -0.43
N LYS B 27 -22.47 -17.23 -0.73
CA LYS B 27 -22.24 -16.29 -1.81
C LYS B 27 -21.59 -14.99 -1.35
N ILE B 28 -20.48 -14.62 -1.97
CA ILE B 28 -19.86 -13.35 -1.62
C ILE B 28 -20.11 -12.36 -2.76
N GLY B 29 -20.55 -11.18 -2.37
CA GLY B 29 -20.81 -10.12 -3.32
C GLY B 29 -19.53 -9.32 -3.51
N ILE B 30 -19.30 -8.88 -4.74
CA ILE B 30 -18.13 -8.08 -5.06
C ILE B 30 -18.58 -6.83 -5.85
N MET B 31 -17.98 -5.70 -5.56
CA MET B 31 -18.34 -4.48 -6.25
C MET B 31 -17.23 -3.47 -6.08
N SER B 32 -17.27 -2.41 -6.89
CA SER B 32 -16.22 -1.37 -6.84
C SER B 32 -16.59 -0.11 -7.63
N ASP B 33 -15.90 0.97 -7.33
CA ASP B 33 -16.10 2.21 -8.04
C ASP B 33 -17.51 2.61 -8.25
N THR B 34 -18.21 2.84 -7.14
CA THR B 34 -19.60 3.28 -7.22
C THR B 34 -19.72 4.76 -7.53
N HIS B 35 -18.63 5.51 -7.41
CA HIS B 35 -18.61 6.95 -7.70
C HIS B 35 -19.96 7.71 -7.50
N ASP B 36 -20.50 7.58 -6.28
CA ASP B 36 -21.74 8.28 -5.90
C ASP B 36 -23.01 8.04 -6.77
N HIS B 37 -22.96 7.09 -7.71
CA HIS B 37 -24.14 6.83 -8.54
C HIS B 37 -25.19 6.11 -7.67
N LEU B 38 -26.09 6.90 -7.07
CA LEU B 38 -27.10 6.35 -6.16
C LEU B 38 -27.96 5.24 -6.75
N PRO B 39 -28.47 5.44 -7.98
CA PRO B 39 -29.31 4.41 -8.62
C PRO B 39 -28.67 3.05 -8.73
N ASN B 40 -27.50 2.98 -9.35
CA ASN B 40 -26.81 1.72 -9.54
C ASN B 40 -26.40 1.13 -8.22
N ILE B 41 -26.15 1.99 -7.25
CA ILE B 41 -25.78 1.54 -5.92
C ILE B 41 -26.96 0.76 -5.32
N ARG B 42 -28.16 1.34 -5.43
CA ARG B 42 -29.36 0.70 -4.91
C ARG B 42 -29.61 -0.58 -5.63
N LYS B 43 -29.55 -0.52 -6.95
CA LYS B 43 -29.75 -1.71 -7.79
C LYS B 43 -28.83 -2.85 -7.37
N ALA B 44 -27.64 -2.53 -6.88
CA ALA B 44 -26.69 -3.55 -6.46
C ALA B 44 -27.06 -3.99 -5.07
N ILE B 45 -27.44 -3.03 -4.23
CA ILE B 45 -27.83 -3.39 -2.88
C ILE B 45 -29.08 -4.28 -2.87
N GLU B 46 -29.92 -4.17 -3.91
CA GLU B 46 -31.12 -5.00 -4.00
C GLU B 46 -30.73 -6.38 -4.50
N ILE B 47 -30.04 -6.40 -5.63
CA ILE B 47 -29.58 -7.64 -6.25
C ILE B 47 -28.87 -8.48 -5.20
N PHE B 48 -28.05 -7.85 -4.37
CA PHE B 48 -27.34 -8.63 -3.38
C PHE B 48 -28.28 -9.26 -2.36
N ASN B 49 -29.12 -8.45 -1.72
CA ASN B 49 -30.05 -9.00 -0.76
C ASN B 49 -30.78 -10.21 -1.34
N ASP B 50 -31.53 -9.98 -2.42
CA ASP B 50 -32.31 -11.04 -3.07
C ASP B 50 -31.54 -12.35 -3.30
N GLU B 51 -30.29 -12.40 -2.84
CA GLU B 51 -29.52 -13.63 -2.97
C GLU B 51 -28.93 -14.04 -1.64
N ASN B 52 -28.11 -15.09 -1.67
CA ASN B 52 -27.49 -15.56 -0.44
C ASN B 52 -26.69 -14.34 0.03
N VAL B 53 -25.51 -14.17 -0.58
CA VAL B 53 -24.60 -13.08 -0.24
C VAL B 53 -24.48 -12.94 1.27
N GLU B 54 -23.42 -13.55 1.79
CA GLU B 54 -23.14 -13.50 3.21
C GLU B 54 -22.43 -12.18 3.52
N THR B 55 -21.46 -11.82 2.69
CA THR B 55 -20.72 -10.57 2.86
C THR B 55 -20.51 -9.89 1.50
N VAL B 56 -20.18 -8.60 1.53
CA VAL B 56 -19.98 -7.86 0.31
C VAL B 56 -18.66 -7.11 0.38
N ILE B 57 -17.77 -7.44 -0.56
CA ILE B 57 -16.45 -6.80 -0.70
C ILE B 57 -16.67 -5.61 -1.66
N HIS B 58 -16.17 -4.44 -1.29
CA HIS B 58 -16.30 -3.22 -2.09
C HIS B 58 -14.93 -2.58 -2.05
N CYS B 59 -14.18 -2.67 -3.14
CA CYS B 59 -12.86 -2.11 -3.11
C CYS B 59 -12.84 -0.71 -3.65
N GLY B 60 -13.94 -0.37 -4.30
CA GLY B 60 -14.07 0.91 -5.00
C GLY B 60 -13.95 2.21 -4.27
N ASP B 61 -14.16 3.26 -5.04
CA ASP B 61 -14.20 4.64 -4.57
C ASP B 61 -15.72 4.81 -4.34
N PHE B 62 -16.14 4.92 -3.09
CA PHE B 62 -17.57 5.13 -2.77
C PHE B 62 -17.76 6.54 -3.25
N VAL B 63 -16.76 7.28 -2.79
CA VAL B 63 -16.44 8.66 -2.99
C VAL B 63 -17.08 9.65 -2.04
N SER B 64 -18.36 9.55 -1.67
CA SER B 64 -18.96 10.49 -0.70
C SER B 64 -19.72 9.85 0.47
N LEU B 65 -19.59 10.43 1.65
CA LEU B 65 -20.23 9.92 2.86
C LEU B 65 -21.67 9.45 2.78
N PHE B 66 -22.53 10.12 2.01
CA PHE B 66 -23.93 9.68 1.92
C PHE B 66 -24.10 8.31 1.28
N VAL B 67 -23.10 7.87 0.56
CA VAL B 67 -23.15 6.56 -0.07
C VAL B 67 -23.26 5.52 1.04
N ILE B 68 -22.68 5.84 2.19
CA ILE B 68 -22.68 4.93 3.33
C ILE B 68 -24.07 4.73 3.92
N LYS B 69 -24.96 5.72 3.80
CA LYS B 69 -26.32 5.53 4.32
C LYS B 69 -27.05 4.47 3.48
N GLU B 70 -27.03 4.62 2.16
CA GLU B 70 -27.67 3.65 1.28
C GLU B 70 -27.33 2.23 1.74
N PHE B 71 -26.09 2.02 2.15
CA PHE B 71 -25.69 0.69 2.58
C PHE B 71 -26.35 0.21 3.87
N GLU B 72 -26.97 1.12 4.62
CA GLU B 72 -27.61 0.68 5.85
C GLU B 72 -28.73 -0.29 5.49
N ASN B 73 -29.07 -0.35 4.20
CA ASN B 73 -30.12 -1.21 3.70
C ASN B 73 -29.58 -2.53 3.14
N LEU B 74 -28.27 -2.74 3.28
CA LEU B 74 -27.63 -3.95 2.78
C LEU B 74 -27.58 -5.02 3.84
N ASN B 75 -28.22 -6.15 3.57
CA ASN B 75 -28.29 -7.26 4.52
C ASN B 75 -26.95 -7.78 4.97
N ALA B 76 -26.08 -8.14 4.04
CA ALA B 76 -24.76 -8.67 4.38
C ALA B 76 -23.81 -7.62 4.96
N ASN B 77 -22.70 -8.08 5.54
CA ASN B 77 -21.73 -7.14 6.10
C ASN B 77 -20.83 -6.64 4.97
N ILE B 78 -19.93 -5.73 5.30
CA ILE B 78 -19.08 -5.10 4.30
C ILE B 78 -17.58 -5.06 4.55
N ILE B 79 -16.80 -5.62 3.63
CA ILE B 79 -15.32 -5.55 3.69
C ILE B 79 -14.99 -4.58 2.53
N ALA B 80 -14.53 -3.38 2.88
CA ALA B 80 -14.21 -2.39 1.88
C ALA B 80 -12.76 -1.98 1.88
N THR B 81 -12.35 -1.35 0.79
CA THR B 81 -10.99 -0.93 0.65
C THR B 81 -11.08 0.56 0.29
N TYR B 82 -10.04 1.32 0.57
CA TYR B 82 -10.07 2.75 0.29
C TYR B 82 -9.74 3.10 -1.15
N GLY B 83 -10.70 3.69 -1.84
CA GLY B 83 -10.39 4.11 -3.19
C GLY B 83 -9.52 5.35 -3.03
N ASN B 84 -8.76 5.69 -4.05
CA ASN B 84 -7.92 6.85 -3.97
C ASN B 84 -8.71 8.16 -4.01
N ASN B 85 -9.96 8.15 -4.45
CA ASN B 85 -10.77 9.39 -4.47
C ASN B 85 -11.55 9.60 -3.16
N ASP B 86 -11.58 8.57 -2.32
CA ASP B 86 -12.26 8.61 -1.05
C ASP B 86 -11.68 9.65 -0.07
N GLY B 87 -12.18 10.89 -0.15
CA GLY B 87 -11.70 11.98 0.70
C GLY B 87 -11.87 11.85 2.22
N GLU B 88 -13.09 11.61 2.68
CA GLU B 88 -13.40 11.50 4.09
C GLU B 88 -12.97 10.17 4.65
N ARG B 89 -11.67 9.93 4.67
CA ARG B 89 -11.14 8.65 5.16
C ARG B 89 -11.62 8.16 6.54
N CYS B 90 -11.59 8.99 7.58
CA CYS B 90 -12.04 8.48 8.89
C CYS B 90 -13.54 8.54 9.12
N LYS B 91 -14.22 9.45 8.43
CA LYS B 91 -15.66 9.55 8.57
C LYS B 91 -16.28 8.26 7.98
N LEU B 92 -15.70 7.80 6.85
CA LEU B 92 -16.15 6.57 6.16
C LEU B 92 -16.07 5.35 7.06
N LYS B 93 -14.98 5.27 7.83
CA LYS B 93 -14.75 4.17 8.75
C LYS B 93 -15.81 4.11 9.87
N GLU B 94 -15.97 5.23 10.59
CA GLU B 94 -16.95 5.33 11.69
C GLU B 94 -18.30 4.91 11.13
N TRP B 95 -18.74 5.68 10.13
CA TRP B 95 -20.01 5.47 9.46
C TRP B 95 -20.22 4.03 9.04
N LEU B 96 -19.25 3.46 8.35
CA LEU B 96 -19.40 2.08 7.95
C LEU B 96 -19.71 1.23 9.18
N LYS B 97 -19.16 1.60 10.33
CA LYS B 97 -19.43 0.83 11.54
C LYS B 97 -20.79 1.08 12.19
N ASP B 98 -21.24 2.33 12.27
CA ASP B 98 -22.54 2.59 12.87
C ASP B 98 -23.55 1.75 12.12
N ILE B 99 -23.20 1.42 10.87
CA ILE B 99 -24.07 0.63 10.02
C ILE B 99 -23.92 -0.84 10.44
N ASN B 100 -22.82 -1.16 11.10
CA ASN B 100 -22.58 -2.54 11.48
C ASN B 100 -21.18 -2.62 12.11
N GLU B 101 -21.04 -3.30 13.23
CA GLU B 101 -19.74 -3.38 13.88
C GLU B 101 -18.76 -4.27 13.12
N GLU B 102 -19.27 -5.29 12.44
CA GLU B 102 -18.40 -6.19 11.69
C GLU B 102 -17.68 -5.52 10.49
N ASN B 103 -18.36 -4.59 9.81
CA ASN B 103 -17.81 -3.91 8.64
C ASN B 103 -16.42 -3.30 8.84
N ILE B 104 -15.50 -3.64 7.91
CA ILE B 104 -14.10 -3.19 7.92
C ILE B 104 -13.65 -2.45 6.63
N ILE B 105 -12.69 -1.56 6.74
CA ILE B 105 -12.19 -0.81 5.59
C ILE B 105 -10.75 -0.30 5.80
N ASP B 106 -9.84 -0.84 5.00
CA ASP B 106 -8.43 -0.46 5.09
C ASP B 106 -7.92 -0.26 3.66
N ASP B 107 -6.66 0.12 3.51
CA ASP B 107 -6.07 0.28 2.20
C ASP B 107 -5.82 -1.11 1.60
N PHE B 108 -5.53 -2.09 2.45
CA PHE B 108 -5.30 -3.45 1.99
C PHE B 108 -5.96 -4.40 2.96
N ILE B 109 -6.73 -5.35 2.47
CA ILE B 109 -7.34 -6.32 3.37
C ILE B 109 -6.96 -7.74 2.98
N SER B 110 -6.19 -8.46 3.79
CA SER B 110 -5.89 -9.85 3.44
C SER B 110 -6.62 -10.74 4.41
N VAL B 111 -7.70 -11.35 3.94
CA VAL B 111 -8.49 -12.24 4.79
C VAL B 111 -8.69 -13.62 4.22
N GLU B 112 -9.22 -14.48 5.07
CA GLU B 112 -9.51 -15.84 4.72
C GLU B 112 -11.01 -15.97 4.86
N ILE B 113 -11.64 -16.66 3.93
CA ILE B 113 -13.08 -16.86 3.98
C ILE B 113 -13.38 -18.18 3.31
N ASP B 114 -14.40 -18.87 3.82
CA ASP B 114 -14.84 -20.15 3.29
C ASP B 114 -13.65 -20.97 2.79
N ASP B 115 -12.63 -21.02 3.65
CA ASP B 115 -11.38 -21.76 3.41
C ASP B 115 -10.65 -21.28 2.16
N LEU B 116 -10.47 -19.97 2.06
CA LEU B 116 -9.78 -19.35 0.93
C LEU B 116 -9.04 -18.06 1.30
N LYS B 117 -7.83 -17.91 0.75
CA LYS B 117 -6.98 -16.74 0.99
C LYS B 117 -7.28 -15.58 0.02
N PHE B 118 -7.69 -14.45 0.57
CA PHE B 118 -8.01 -13.24 -0.20
C PHE B 118 -7.09 -12.04 -0.01
N PHE B 119 -6.78 -11.37 -1.11
CA PHE B 119 -6.03 -10.13 -1.02
C PHE B 119 -6.90 -9.12 -1.75
N ILE B 120 -7.45 -8.17 -1.01
CA ILE B 120 -8.31 -7.14 -1.58
C ILE B 120 -7.67 -5.75 -1.54
N THR B 121 -7.84 -5.00 -2.63
CA THR B 121 -7.28 -3.65 -2.67
C THR B 121 -7.91 -2.86 -3.83
N HIS B 122 -7.88 -1.54 -3.76
CA HIS B 122 -8.43 -0.71 -4.85
C HIS B 122 -7.29 -0.88 -5.88
N GLY B 123 -7.55 -0.87 -7.18
CA GLY B 123 -6.41 -1.08 -8.11
C GLY B 123 -5.20 -0.16 -7.93
N HIS B 124 -5.47 0.90 -7.21
CA HIS B 124 -4.56 1.93 -6.80
C HIS B 124 -3.06 1.71 -7.11
N HIS B 125 -2.42 0.92 -6.26
CA HIS B 125 -1.01 0.60 -6.35
C HIS B 125 -0.81 -0.75 -7.06
N GLN B 126 -0.38 -0.69 -8.33
CA GLN B 126 -0.21 -1.91 -9.13
C GLN B 126 0.90 -2.83 -8.63
N SER B 127 1.99 -2.22 -8.17
CA SER B 127 3.13 -2.97 -7.64
C SER B 127 2.67 -3.96 -6.56
N VAL B 128 1.88 -3.51 -5.60
CA VAL B 128 1.42 -4.39 -4.54
C VAL B 128 0.46 -5.45 -5.06
N LEU B 129 -0.39 -5.05 -6.01
CA LEU B 129 -1.39 -5.93 -6.63
C LEU B 129 -0.68 -7.08 -7.33
N GLU B 130 0.25 -6.70 -8.20
CA GLU B 130 1.04 -7.65 -9.01
C GLU B 130 1.77 -8.69 -8.15
N MET B 131 2.41 -8.21 -7.10
CA MET B 131 3.15 -9.02 -6.15
C MET B 131 2.24 -9.97 -5.35
N ALA B 132 1.01 -9.56 -5.08
CA ALA B 132 0.06 -10.40 -4.34
C ALA B 132 -0.30 -11.63 -5.19
N ILE B 133 -0.35 -11.42 -6.50
CA ILE B 133 -0.67 -12.49 -7.43
C ILE B 133 0.59 -13.36 -7.62
N LYS B 134 1.68 -12.76 -8.11
CA LYS B 134 2.94 -13.48 -8.34
C LYS B 134 3.42 -14.24 -7.12
N SER B 135 3.18 -13.69 -5.95
CA SER B 135 3.61 -14.28 -4.68
C SER B 135 3.15 -15.71 -4.45
N GLY B 136 1.87 -15.97 -4.70
CA GLY B 136 1.35 -17.29 -4.48
C GLY B 136 0.91 -17.51 -3.03
N LEU B 137 0.63 -16.43 -2.31
CA LEU B 137 0.17 -16.57 -0.93
C LEU B 137 -1.35 -16.54 -0.80
N TYR B 138 -2.07 -16.25 -1.88
CA TYR B 138 -3.53 -16.18 -1.81
C TYR B 138 -4.11 -16.98 -2.93
N ASP B 139 -5.41 -17.30 -2.79
CA ASP B 139 -6.14 -18.06 -3.80
C ASP B 139 -6.89 -17.07 -4.66
N VAL B 140 -7.54 -16.12 -3.99
CA VAL B 140 -8.33 -15.15 -4.66
C VAL B 140 -7.81 -13.73 -4.45
N VAL B 141 -7.71 -12.96 -5.55
CA VAL B 141 -7.27 -11.56 -5.49
C VAL B 141 -8.35 -10.66 -6.11
N ILE B 142 -8.70 -9.60 -5.40
CA ILE B 142 -9.76 -8.71 -5.86
C ILE B 142 -9.36 -7.25 -5.87
N TYR B 143 -9.63 -6.55 -6.97
CA TYR B 143 -9.29 -5.13 -7.00
C TYR B 143 -10.22 -4.46 -7.94
N GLY B 144 -10.05 -3.15 -8.09
CA GLY B 144 -10.90 -2.35 -8.95
C GLY B 144 -10.05 -1.22 -9.49
N HIS B 145 -10.50 0.02 -9.34
CA HIS B 145 -9.73 1.22 -9.76
C HIS B 145 -9.71 1.52 -11.24
N THR B 146 -9.35 0.51 -12.02
CA THR B 146 -9.25 0.58 -13.48
C THR B 146 -10.59 0.69 -14.15
N HIS B 147 -11.64 0.19 -13.50
CA HIS B 147 -12.99 0.22 -14.05
C HIS B 147 -13.12 -0.81 -15.15
N GLU B 148 -12.12 -1.66 -15.28
CA GLU B 148 -12.18 -2.67 -16.32
C GLU B 148 -12.43 -4.02 -15.71
N ARG B 149 -13.63 -4.54 -15.83
CA ARG B 149 -13.84 -5.84 -15.24
C ARG B 149 -13.09 -6.95 -15.99
N VAL B 150 -12.50 -7.82 -15.19
CA VAL B 150 -11.73 -8.91 -15.71
C VAL B 150 -12.01 -10.05 -14.76
N PHE B 151 -11.73 -11.25 -15.21
CA PHE B 151 -11.95 -12.46 -14.40
C PHE B 151 -11.00 -13.51 -14.97
N GLU B 152 -9.80 -13.61 -14.39
CA GLU B 152 -8.79 -14.54 -14.87
C GLU B 152 -8.12 -15.43 -13.82
N GLU B 153 -7.55 -16.53 -14.28
CA GLU B 153 -6.84 -17.48 -13.43
C GLU B 153 -5.39 -17.38 -13.90
N VAL B 154 -4.53 -16.87 -13.04
CA VAL B 154 -3.13 -16.72 -13.36
C VAL B 154 -2.27 -17.45 -12.31
N ASP B 155 -2.15 -18.74 -12.55
CA ASP B 155 -1.42 -19.66 -11.69
C ASP B 155 -2.16 -19.91 -10.39
N ASP B 156 -3.26 -20.66 -10.48
CA ASP B 156 -4.04 -21.03 -9.32
C ASP B 156 -4.71 -19.84 -8.67
N VAL B 157 -4.24 -18.65 -9.00
CA VAL B 157 -4.85 -17.45 -8.42
C VAL B 157 -6.04 -16.99 -9.22
N LEU B 158 -7.16 -16.85 -8.53
CA LEU B 158 -8.39 -16.37 -9.13
C LEU B 158 -8.35 -14.83 -9.00
N VAL B 159 -8.01 -14.12 -10.09
CA VAL B 159 -7.96 -12.67 -10.07
C VAL B 159 -9.27 -12.04 -10.56
N ILE B 160 -9.87 -11.19 -9.73
CA ILE B 160 -11.15 -10.54 -10.09
C ILE B 160 -11.28 -9.03 -9.91
N ASN B 161 -11.80 -8.36 -10.94
CA ASN B 161 -12.08 -6.93 -10.87
C ASN B 161 -13.51 -6.94 -11.26
N PRO B 162 -14.40 -6.62 -10.34
CA PRO B 162 -15.82 -6.62 -10.72
C PRO B 162 -16.23 -5.55 -11.73
N GLY B 163 -15.36 -4.58 -11.99
CA GLY B 163 -15.75 -3.54 -12.93
C GLY B 163 -16.33 -2.36 -12.16
N GLU B 164 -16.89 -1.38 -12.88
CA GLU B 164 -17.41 -0.15 -12.27
C GLU B 164 -18.91 -0.21 -12.06
N CYS B 165 -19.32 -0.19 -10.80
CA CYS B 165 -20.74 -0.20 -10.51
C CYS B 165 -21.41 1.00 -11.17
N CYS B 166 -20.75 2.13 -11.19
CA CYS B 166 -21.31 3.31 -11.81
C CYS B 166 -21.47 3.26 -13.33
N GLY B 167 -20.65 2.44 -14.03
CA GLY B 167 -20.71 2.33 -15.49
C GLY B 167 -20.20 3.55 -16.27
N TYR B 168 -19.55 4.50 -15.61
CA TYR B 168 -19.09 5.74 -16.24
C TYR B 168 -18.03 5.75 -17.32
N LEU B 169 -16.94 5.02 -17.15
CA LEU B 169 -15.93 5.10 -18.18
C LEU B 169 -16.20 4.17 -19.34
N THR B 170 -16.70 2.97 -19.04
CA THR B 170 -16.93 1.99 -20.07
C THR B 170 -18.36 1.95 -20.55
N GLY B 171 -19.25 2.58 -19.79
CA GLY B 171 -20.66 2.57 -20.15
C GLY B 171 -21.35 1.25 -19.81
N ILE B 172 -20.60 0.26 -19.30
CA ILE B 172 -21.14 -1.06 -18.91
C ILE B 172 -21.13 -1.20 -17.37
N PRO B 173 -22.27 -0.93 -16.74
CA PRO B 173 -22.25 -1.05 -15.29
C PRO B 173 -22.33 -2.48 -14.77
N THR B 174 -21.37 -2.87 -13.93
CA THR B 174 -21.38 -4.21 -13.37
C THR B 174 -20.99 -4.35 -11.92
N ILE B 175 -21.25 -5.55 -11.40
CA ILE B 175 -20.93 -6.03 -10.05
C ILE B 175 -20.77 -7.53 -10.25
N GLY B 176 -20.57 -8.27 -9.16
CA GLY B 176 -20.40 -9.70 -9.28
C GLY B 176 -20.58 -10.55 -8.04
N ILE B 177 -20.90 -11.82 -8.25
CA ILE B 177 -21.06 -12.74 -7.14
C ILE B 177 -20.14 -13.97 -7.30
N LEU B 178 -19.33 -14.21 -6.26
CA LEU B 178 -18.40 -15.33 -6.22
C LEU B 178 -18.88 -16.51 -5.36
N ASP B 179 -18.83 -17.71 -5.94
CA ASP B 179 -19.22 -18.98 -5.29
C ASP B 179 -17.97 -19.46 -4.54
N THR B 180 -17.99 -19.31 -3.22
CA THR B 180 -16.86 -19.72 -2.40
C THR B 180 -16.76 -21.24 -2.23
N GLU B 181 -17.83 -21.93 -2.64
CA GLU B 181 -17.93 -23.39 -2.56
C GLU B 181 -17.29 -24.06 -3.77
N LYS B 182 -17.93 -23.87 -4.92
CA LYS B 182 -17.52 -24.43 -6.21
C LYS B 182 -16.43 -23.57 -6.86
N LYS B 183 -16.02 -22.51 -6.18
CA LYS B 183 -15.00 -21.61 -6.71
C LYS B 183 -15.48 -21.06 -8.07
N GLU B 184 -16.77 -20.73 -8.14
CA GLU B 184 -17.37 -20.21 -9.37
C GLU B 184 -17.87 -18.77 -9.25
N TYR B 185 -17.72 -18.01 -10.33
CA TYR B 185 -18.10 -16.62 -10.33
C TYR B 185 -18.84 -16.19 -11.60
N ARG B 186 -19.51 -15.04 -11.54
CA ARG B 186 -20.22 -14.49 -12.69
C ARG B 186 -20.67 -13.02 -12.52
N GLU B 187 -20.48 -12.27 -13.62
CA GLU B 187 -20.82 -10.86 -13.69
C GLU B 187 -22.32 -10.63 -13.73
N ILE B 188 -22.71 -9.43 -13.34
CA ILE B 188 -24.11 -9.02 -13.35
C ILE B 188 -24.15 -7.58 -13.85
N VAL B 189 -24.82 -7.39 -14.98
CA VAL B 189 -24.97 -6.08 -15.56
C VAL B 189 -26.21 -5.40 -14.94
N LEU B 190 -26.20 -4.07 -14.81
CA LEU B 190 -27.32 -3.38 -14.20
C LEU B 190 -28.20 -2.65 -15.20
MN MN C . 5.65 6.17 11.04
MN MN D . 7.71 7.45 12.63
MN MN E . -9.85 4.94 -8.43
MN MN F . -12.45 5.10 -9.67
#